data_1ZVH
#
_entry.id   1ZVH
#
_cell.length_a   114.782
_cell.length_b   114.782
_cell.length_c   33.273
_cell.angle_alpha   90.00
_cell.angle_beta   90.00
_cell.angle_gamma   90.00
#
_symmetry.space_group_name_H-M   'I 4'
#
loop_
_entity.id
_entity.type
_entity.pdbx_description
1 polymer 'Lysozyme C'
2 polymer 'Immunoglobulin heavy chain antibody variable domain'
3 water water
#
loop_
_entity_poly.entity_id
_entity_poly.type
_entity_poly.pdbx_seq_one_letter_code
_entity_poly.pdbx_strand_id
1 'polypeptide(L)'
;KVFGRCELAAAMKRHGLDNYRGYSLGNWVCAAKFESNFNTQATNRNTDGSTDYGILQINSRWWCNDGRTPGSRNLCNIPC
SALLSSDITASVNCAKKIVSDGNGMNAWVAWRNRCKGTDVQAWIRGCRL
;
L
2 'polypeptide(L)'
;DVQLVESGGGSVQAGGSLRLSCAASGYIASINYLGWFRQAPGKEREGVAAVSPAGGTPYYADSVKGRFTVSLDNAENTVY
LQMNSLKPEDTALYYCAAARQGWYIPLNSYGYNYWGQGTQVTVSSRGRHHHHHH
;
A
#
# COMPACT_ATOMS: atom_id res chain seq x y z
N LYS A 1 -11.01 4.70 5.23
CA LYS A 1 -11.74 5.99 5.33
C LYS A 1 -12.82 6.10 4.29
N VAL A 2 -14.02 6.48 4.72
CA VAL A 2 -15.11 6.65 3.78
C VAL A 2 -15.31 8.15 3.73
N PHE A 3 -14.97 8.73 2.59
CA PHE A 3 -15.10 10.16 2.41
C PHE A 3 -16.52 10.62 2.33
N GLY A 4 -16.70 11.87 2.73
CA GLY A 4 -17.98 12.50 2.59
C GLY A 4 -17.87 13.03 1.18
N ARG A 5 -19.01 13.24 0.54
CA ARG A 5 -19.05 13.75 -0.81
C ARG A 5 -18.26 15.04 -0.96
N CYS A 6 -18.57 16.01 -0.12
CA CYS A 6 -17.90 17.30 -0.19
C CYS A 6 -16.45 17.24 0.18
N GLU A 7 -16.13 16.43 1.17
CA GLU A 7 -14.77 16.28 1.59
C GLU A 7 -13.97 15.73 0.42
N LEU A 8 -14.55 14.76 -0.26
CA LEU A 8 -13.88 14.17 -1.41
C LEU A 8 -13.80 15.19 -2.53
N ALA A 9 -14.87 15.93 -2.74
CA ALA A 9 -14.86 16.95 -3.78
C ALA A 9 -13.72 17.91 -3.51
N ALA A 10 -13.58 18.34 -2.26
CA ALA A 10 -12.52 19.27 -1.93
C ALA A 10 -11.16 18.65 -2.13
N ALA A 11 -11.02 17.38 -1.76
CA ALA A 11 -9.75 16.70 -1.91
C ALA A 11 -9.45 16.56 -3.39
N MET A 12 -10.46 16.19 -4.17
CA MET A 12 -10.22 16.05 -5.60
C MET A 12 -9.89 17.37 -6.24
N LYS A 13 -10.51 18.43 -5.75
CA LYS A 13 -10.23 19.75 -6.28
C LYS A 13 -8.78 20.09 -5.93
N ARG A 14 -8.41 19.80 -4.69
CA ARG A 14 -7.06 20.07 -4.21
C ARG A 14 -6.05 19.33 -5.09
N HIS A 15 -6.47 18.18 -5.63
CA HIS A 15 -5.60 17.39 -6.47
C HIS A 15 -5.75 17.77 -7.94
N GLY A 16 -6.34 18.92 -8.19
CA GLY A 16 -6.49 19.41 -9.55
C GLY A 16 -7.33 18.56 -10.48
N LEU A 17 -8.35 17.90 -9.96
CA LEU A 17 -9.21 17.09 -10.82
C LEU A 17 -10.28 17.93 -11.46
N ASP A 18 -10.55 19.10 -10.91
CA ASP A 18 -11.58 19.92 -11.50
C ASP A 18 -11.17 20.34 -12.89
N ASN A 19 -11.91 19.84 -13.87
CA ASN A 19 -11.66 20.11 -15.28
C ASN A 19 -10.40 19.44 -15.77
N TYR A 20 -9.92 18.47 -15.01
CA TYR A 20 -8.74 17.77 -15.44
C TYR A 20 -9.12 17.07 -16.73
N ARG A 21 -8.30 17.25 -17.77
CA ARG A 21 -8.59 16.67 -19.07
C ARG A 21 -10.00 17.09 -19.49
N GLY A 22 -10.44 18.24 -18.99
CA GLY A 22 -11.75 18.75 -19.34
C GLY A 22 -12.94 18.16 -18.59
N TYR A 23 -12.67 17.34 -17.59
CA TYR A 23 -13.75 16.74 -16.81
C TYR A 23 -13.99 17.52 -15.55
N SER A 24 -15.15 18.16 -15.47
CA SER A 24 -15.51 18.95 -14.31
C SER A 24 -15.45 18.07 -13.07
N LEU A 25 -15.14 18.71 -11.96
CA LEU A 25 -14.99 18.02 -10.69
C LEU A 25 -16.07 17.00 -10.36
N GLY A 26 -17.33 17.33 -10.61
CA GLY A 26 -18.41 16.42 -10.29
C GLY A 26 -18.27 15.04 -10.91
N ASN A 27 -17.60 15.00 -12.05
CA ASN A 27 -17.39 13.72 -12.74
C ASN A 27 -16.61 12.78 -11.87
N TRP A 28 -15.57 13.31 -11.26
CA TRP A 28 -14.69 12.52 -10.42
C TRP A 28 -15.34 12.12 -9.12
N VAL A 29 -16.09 13.05 -8.53
CA VAL A 29 -16.76 12.74 -7.29
C VAL A 29 -17.83 11.70 -7.59
N CYS A 30 -18.55 11.90 -8.67
CA CYS A 30 -19.58 10.97 -9.04
C CYS A 30 -18.94 9.60 -9.30
N ALA A 31 -17.84 9.58 -10.05
CA ALA A 31 -17.18 8.32 -10.35
C ALA A 31 -16.83 7.61 -9.04
N ALA A 32 -16.26 8.35 -8.12
CA ALA A 32 -15.88 7.76 -6.83
C ALA A 32 -17.11 7.24 -6.11
N LYS A 33 -18.21 7.99 -6.22
CA LYS A 33 -19.42 7.56 -5.53
C LYS A 33 -19.86 6.20 -6.00
N PHE A 34 -19.91 6.01 -7.31
CA PHE A 34 -20.39 4.76 -7.82
C PHE A 34 -19.37 3.66 -7.87
N GLU A 35 -18.09 4.03 -7.88
CA GLU A 35 -17.06 3.02 -7.89
C GLU A 35 -16.89 2.44 -6.51
N SER A 36 -16.80 3.29 -5.51
CA SER A 36 -16.52 2.84 -4.16
C SER A 36 -17.41 3.39 -3.08
N ASN A 37 -18.38 4.20 -3.47
CA ASN A 37 -19.22 4.85 -2.48
C ASN A 37 -18.32 5.65 -1.56
N PHE A 38 -17.28 6.25 -2.13
CA PHE A 38 -16.31 7.08 -1.42
C PHE A 38 -15.43 6.36 -0.41
N ASN A 39 -15.46 5.04 -0.45
CA ASN A 39 -14.66 4.27 0.49
C ASN A 39 -13.24 4.08 -0.05
N THR A 40 -12.28 4.70 0.61
CA THR A 40 -10.89 4.57 0.17
C THR A 40 -10.39 3.16 0.29
N GLN A 41 -11.06 2.35 1.09
CA GLN A 41 -10.62 0.98 1.30
C GLN A 41 -11.34 -0.03 0.43
N ALA A 42 -12.22 0.45 -0.43
CA ALA A 42 -12.97 -0.44 -1.28
C ALA A 42 -12.10 -1.32 -2.15
N THR A 43 -12.43 -2.60 -2.19
CA THR A 43 -11.70 -3.52 -3.02
C THR A 43 -12.71 -4.47 -3.61
N ASN A 44 -12.56 -4.76 -4.88
CA ASN A 44 -13.43 -5.68 -5.57
C ASN A 44 -12.55 -6.59 -6.38
N ARG A 45 -12.65 -7.87 -6.09
CA ARG A 45 -11.86 -8.84 -6.81
C ARG A 45 -12.67 -9.30 -8.01
N ASN A 46 -11.98 -9.45 -9.12
CA ASN A 46 -12.61 -9.86 -10.35
C ASN A 46 -12.22 -11.29 -10.68
N THR A 47 -13.08 -11.96 -11.42
CA THR A 47 -12.83 -13.34 -11.79
C THR A 47 -11.56 -13.46 -12.62
N ASP A 48 -11.16 -12.38 -13.28
CA ASP A 48 -9.96 -12.40 -14.12
C ASP A 48 -8.67 -12.37 -13.30
N GLY A 49 -8.80 -12.36 -11.98
CA GLY A 49 -7.62 -12.35 -11.13
C GLY A 49 -7.15 -10.95 -10.76
N SER A 50 -7.75 -9.95 -11.39
CA SER A 50 -7.38 -8.57 -11.09
C SER A 50 -8.30 -8.12 -9.98
N THR A 51 -7.96 -7.00 -9.38
CA THR A 51 -8.75 -6.47 -8.30
C THR A 51 -8.86 -4.99 -8.53
N ASP A 52 -10.00 -4.43 -8.16
CA ASP A 52 -10.21 -3.01 -8.27
C ASP A 52 -9.97 -2.47 -6.89
N TYR A 53 -9.11 -1.47 -6.82
CA TYR A 53 -8.72 -0.91 -5.57
C TYR A 53 -9.01 0.52 -5.30
N GLY A 54 -9.43 0.77 -4.09
CA GLY A 54 -9.63 2.12 -3.66
C GLY A 54 -10.86 2.86 -4.06
N ILE A 55 -10.81 4.13 -3.72
CA ILE A 55 -11.91 5.02 -3.93
C ILE A 55 -12.34 5.13 -5.38
N LEU A 56 -11.43 4.86 -6.31
CA LEU A 56 -11.80 4.93 -7.71
C LEU A 56 -11.76 3.54 -8.35
N GLN A 57 -11.67 2.52 -7.51
CA GLN A 57 -11.68 1.13 -7.98
C GLN A 57 -10.81 0.91 -9.20
N ILE A 58 -9.56 1.26 -9.04
CA ILE A 58 -8.59 1.14 -10.11
C ILE A 58 -8.13 -0.30 -10.18
N ASN A 59 -8.21 -0.82 -11.40
CA ASN A 59 -7.88 -2.21 -11.68
C ASN A 59 -6.40 -2.55 -11.71
N SER A 60 -6.09 -3.69 -11.10
CA SER A 60 -4.73 -4.15 -10.99
C SER A 60 -4.15 -4.79 -12.24
N ARG A 61 -4.96 -5.00 -13.27
CA ARG A 61 -4.39 -5.60 -14.47
C ARG A 61 -3.64 -4.54 -15.24
N TRP A 62 -4.25 -3.38 -15.39
CA TRP A 62 -3.61 -2.33 -16.15
C TRP A 62 -2.94 -1.20 -15.39
N TRP A 63 -3.52 -0.83 -14.26
CA TRP A 63 -3.04 0.36 -13.57
C TRP A 63 -2.09 0.33 -12.42
N CYS A 64 -2.21 -0.66 -11.55
CA CYS A 64 -1.31 -0.72 -10.42
C CYS A 64 -0.92 -2.17 -10.30
N ASN A 65 0.18 -2.41 -9.60
CA ASN A 65 0.62 -3.77 -9.44
C ASN A 65 0.30 -4.24 -8.04
N ASP A 66 -0.48 -5.29 -7.93
CA ASP A 66 -0.76 -5.81 -6.61
C ASP A 66 0.02 -7.09 -6.38
N GLY A 67 0.83 -7.47 -7.36
CA GLY A 67 1.67 -8.64 -7.23
C GLY A 67 0.97 -9.96 -7.39
N ARG A 68 -0.31 -9.96 -7.73
CA ARG A 68 -1.01 -11.20 -7.89
C ARG A 68 -1.90 -11.20 -9.12
N THR A 69 -1.74 -10.17 -9.94
CA THR A 69 -2.53 -10.03 -11.15
C THR A 69 -1.71 -10.32 -12.38
N PRO A 70 -2.10 -11.32 -13.15
CA PRO A 70 -1.35 -11.64 -14.35
C PRO A 70 -1.51 -10.54 -15.39
N GLY A 71 -0.51 -10.36 -16.23
CA GLY A 71 -0.59 -9.33 -17.27
C GLY A 71 -0.61 -7.93 -16.69
N SER A 72 0.05 -7.76 -15.57
CA SER A 72 0.10 -6.46 -14.90
C SER A 72 0.92 -5.47 -15.71
N ARG A 73 0.29 -4.36 -16.09
CA ARG A 73 0.96 -3.32 -16.85
C ARG A 73 1.45 -2.26 -15.88
N ASN A 74 0.74 -2.10 -14.77
CA ASN A 74 1.09 -1.11 -13.79
C ASN A 74 1.39 0.22 -14.47
N LEU A 75 0.43 0.69 -15.28
CA LEU A 75 0.63 1.93 -16.00
C LEU A 75 0.69 3.15 -15.09
N CYS A 76 0.15 3.03 -13.89
CA CYS A 76 0.22 4.14 -12.98
C CYS A 76 1.50 4.09 -12.22
N ASN A 77 2.25 3.01 -12.45
CA ASN A 77 3.53 2.81 -11.82
C ASN A 77 3.39 2.92 -10.33
N ILE A 78 2.46 2.15 -9.77
CA ILE A 78 2.26 2.16 -8.34
C ILE A 78 1.79 0.80 -7.89
N PRO A 79 2.10 0.47 -6.64
CA PRO A 79 1.65 -0.82 -6.13
C PRO A 79 0.19 -0.49 -5.83
N CYS A 80 -0.70 -1.46 -5.98
CA CYS A 80 -2.10 -1.19 -5.74
C CYS A 80 -2.33 -0.77 -4.31
N SER A 81 -1.44 -1.19 -3.43
CA SER A 81 -1.58 -0.85 -2.03
C SER A 81 -1.57 0.66 -1.86
N ALA A 82 -0.95 1.37 -2.79
CA ALA A 82 -0.91 2.81 -2.70
C ALA A 82 -2.30 3.36 -2.88
N LEU A 83 -3.14 2.61 -3.57
CA LEU A 83 -4.50 3.07 -3.83
C LEU A 83 -5.42 2.92 -2.65
N LEU A 84 -4.95 2.30 -1.58
CA LEU A 84 -5.77 2.10 -0.41
C LEU A 84 -5.42 3.08 0.68
N SER A 85 -4.63 4.09 0.32
CA SER A 85 -4.25 5.11 1.26
C SER A 85 -5.53 5.86 1.64
N SER A 86 -5.51 6.50 2.80
CA SER A 86 -6.68 7.25 3.25
C SER A 86 -6.75 8.56 2.47
N ASP A 87 -5.60 9.04 2.02
CA ASP A 87 -5.58 10.25 1.22
C ASP A 87 -5.80 9.71 -0.18
N ILE A 88 -6.38 10.52 -1.05
CA ILE A 88 -6.68 10.05 -2.38
C ILE A 88 -5.62 10.29 -3.41
N THR A 89 -4.48 10.82 -2.99
CA THR A 89 -3.43 11.14 -3.94
C THR A 89 -3.08 10.09 -4.98
N ALA A 90 -2.71 8.90 -4.54
CA ALA A 90 -2.34 7.85 -5.49
C ALA A 90 -3.50 7.53 -6.42
N SER A 91 -4.71 7.48 -5.88
CA SER A 91 -5.86 7.17 -6.71
C SER A 91 -6.08 8.26 -7.74
N VAL A 92 -5.94 9.51 -7.30
CA VAL A 92 -6.13 10.62 -8.20
C VAL A 92 -5.05 10.63 -9.26
N ASN A 93 -3.80 10.47 -8.85
CA ASN A 93 -2.72 10.49 -9.83
C ASN A 93 -2.92 9.40 -10.84
N CYS A 94 -3.38 8.24 -10.40
CA CYS A 94 -3.60 7.15 -11.32
C CYS A 94 -4.82 7.45 -12.18
N ALA A 95 -5.87 7.95 -11.56
CA ALA A 95 -7.05 8.29 -12.33
C ALA A 95 -6.67 9.28 -13.42
N LYS A 96 -5.79 10.22 -13.09
CA LYS A 96 -5.38 11.20 -14.08
C LYS A 96 -4.74 10.50 -15.26
N LYS A 97 -3.98 9.46 -14.95
CA LYS A 97 -3.32 8.69 -15.99
C LYS A 97 -4.35 7.91 -16.80
N ILE A 98 -5.28 7.28 -16.10
CA ILE A 98 -6.32 6.50 -16.73
C ILE A 98 -7.15 7.35 -17.70
N VAL A 99 -7.45 8.58 -17.30
CA VAL A 99 -8.25 9.45 -18.13
C VAL A 99 -7.43 10.08 -19.24
N SER A 100 -6.14 10.25 -19.00
CA SER A 100 -5.25 10.83 -19.99
C SER A 100 -5.06 9.86 -21.14
N ASP A 101 -4.76 8.61 -20.81
CA ASP A 101 -4.55 7.59 -21.83
C ASP A 101 -5.87 7.15 -22.45
N GLY A 104 -10.72 10.62 -21.42
CA GLY A 104 -12.01 9.95 -21.32
C GLY A 104 -12.19 9.23 -19.99
N MET A 105 -13.35 9.43 -19.37
CA MET A 105 -13.65 8.80 -18.10
C MET A 105 -14.47 7.53 -18.25
N ASN A 106 -14.74 7.15 -19.48
CA ASN A 106 -15.50 5.95 -19.74
C ASN A 106 -14.81 4.74 -19.13
N ALA A 107 -13.50 4.86 -18.91
CA ALA A 107 -12.70 3.80 -18.32
C ALA A 107 -13.41 3.31 -17.07
N TRP A 108 -14.11 4.23 -16.41
CA TRP A 108 -14.87 3.86 -15.23
C TRP A 108 -16.26 3.55 -15.72
N VAL A 109 -16.49 2.28 -16.01
CA VAL A 109 -17.79 1.85 -16.47
C VAL A 109 -18.80 2.52 -15.54
N ALA A 110 -18.44 2.59 -14.27
CA ALA A 110 -19.29 3.21 -13.27
C ALA A 110 -19.57 4.66 -13.66
N TRP A 111 -18.53 5.38 -14.07
CA TRP A 111 -18.72 6.77 -14.48
C TRP A 111 -19.57 6.85 -15.73
N ARG A 112 -19.19 6.12 -16.77
CA ARG A 112 -19.95 6.15 -18.00
C ARG A 112 -21.40 5.79 -17.74
N ASN A 113 -21.63 4.83 -16.86
CA ASN A 113 -22.99 4.38 -16.56
C ASN A 113 -23.81 5.13 -15.52
N ARG A 114 -23.16 5.69 -14.50
CA ARG A 114 -23.92 6.37 -13.45
C ARG A 114 -23.69 7.87 -13.39
N CYS A 115 -22.68 8.35 -14.09
CA CYS A 115 -22.33 9.76 -14.06
C CYS A 115 -22.49 10.44 -15.38
N LYS A 116 -21.82 9.89 -16.39
CA LYS A 116 -21.90 10.42 -17.72
C LYS A 116 -23.38 10.58 -18.04
N GLY A 117 -23.73 11.72 -18.62
CA GLY A 117 -25.11 11.94 -19.00
C GLY A 117 -25.98 12.46 -17.88
N THR A 118 -25.40 12.73 -16.72
CA THR A 118 -26.19 13.27 -15.63
C THR A 118 -25.55 14.58 -15.25
N ASP A 119 -26.24 15.32 -14.39
CA ASP A 119 -25.74 16.60 -13.92
C ASP A 119 -24.66 16.26 -12.91
N VAL A 120 -23.50 15.87 -13.40
CA VAL A 120 -22.43 15.47 -12.49
C VAL A 120 -22.02 16.55 -11.53
N GLN A 121 -22.19 17.80 -11.91
CA GLN A 121 -21.81 18.88 -11.01
C GLN A 121 -22.68 18.90 -9.76
N ALA A 122 -23.78 18.17 -9.78
CA ALA A 122 -24.64 18.12 -8.62
C ALA A 122 -23.83 17.49 -7.49
N TRP A 123 -22.84 16.69 -7.85
CA TRP A 123 -22.02 16.03 -6.85
C TRP A 123 -21.15 16.94 -6.03
N ILE A 124 -20.93 18.16 -6.53
CA ILE A 124 -20.11 19.10 -5.79
C ILE A 124 -20.91 20.25 -5.19
N ARG A 125 -22.22 20.18 -5.29
CA ARG A 125 -23.07 21.24 -4.72
C ARG A 125 -23.22 21.16 -3.22
N GLY A 126 -23.25 22.32 -2.58
CA GLY A 126 -23.39 22.39 -1.14
C GLY A 126 -22.01 22.30 -0.51
N CYS A 127 -21.03 21.97 -1.34
CA CYS A 127 -19.66 21.83 -0.88
C CYS A 127 -18.91 23.14 -0.85
N ARG A 128 -18.09 23.32 0.18
CA ARG A 128 -17.30 24.53 0.30
C ARG A 128 -16.08 24.27 -0.56
N LEU A 129 -16.07 24.81 -1.77
CA LEU A 129 -14.97 24.59 -2.69
C LEU A 129 -14.35 25.89 -3.19
N ASP B 1 -0.36 7.35 7.29
CA ASP B 1 -1.32 7.12 8.41
C ASP B 1 -0.75 6.07 9.38
N VAL B 2 0.41 5.52 9.03
CA VAL B 2 1.05 4.52 9.85
C VAL B 2 2.50 4.89 10.09
N GLN B 3 2.93 4.76 11.33
CA GLN B 3 4.30 5.05 11.70
C GLN B 3 4.91 3.72 12.12
N LEU B 4 6.15 3.50 11.73
CA LEU B 4 6.86 2.28 12.06
C LEU B 4 8.14 2.66 12.77
N VAL B 5 8.32 2.12 13.96
CA VAL B 5 9.52 2.41 14.73
C VAL B 5 10.23 1.11 15.06
N GLU B 6 11.45 0.99 14.59
CA GLU B 6 12.24 -0.21 14.84
C GLU B 6 13.15 0.02 16.01
N SER B 7 13.62 -1.08 16.56
CA SER B 7 14.54 -1.06 17.68
C SER B 7 15.08 -2.47 17.78
N GLY B 8 16.10 -2.66 18.62
CA GLY B 8 16.66 -3.99 18.79
C GLY B 8 17.90 -4.29 17.99
N GLY B 9 18.28 -3.38 17.10
CA GLY B 9 19.46 -3.60 16.29
C GLY B 9 20.73 -3.57 17.12
N GLY B 10 21.86 -3.72 16.44
CA GLY B 10 23.13 -3.70 17.14
C GLY B 10 24.14 -4.63 16.49
N SER B 11 25.33 -4.68 17.08
CA SER B 11 26.39 -5.53 16.56
C SER B 11 26.51 -6.75 17.45
N VAL B 12 26.54 -7.92 16.82
CA VAL B 12 26.66 -9.17 17.54
C VAL B 12 27.70 -10.03 16.83
N GLN B 13 28.12 -11.11 17.46
CA GLN B 13 29.11 -11.99 16.86
C GLN B 13 28.41 -13.08 16.06
N ALA B 14 29.06 -13.55 14.99
CA ALA B 14 28.49 -14.59 14.17
C ALA B 14 28.00 -15.70 15.09
N GLY B 15 26.81 -16.22 14.79
CA GLY B 15 26.25 -17.28 15.62
C GLY B 15 25.41 -16.69 16.72
N GLY B 16 25.57 -15.39 16.95
CA GLY B 16 24.79 -14.73 17.98
C GLY B 16 23.38 -14.49 17.51
N SER B 17 22.60 -13.78 18.33
CA SER B 17 21.24 -13.48 17.95
C SER B 17 20.83 -12.08 18.37
N LEU B 18 19.82 -11.56 17.70
CA LEU B 18 19.29 -10.24 17.98
C LEU B 18 17.80 -10.32 17.72
N ARG B 19 17.04 -9.50 18.41
CA ARG B 19 15.60 -9.49 18.21
C ARG B 19 15.20 -8.10 17.83
N LEU B 20 14.84 -7.92 16.55
CA LEU B 20 14.41 -6.62 16.10
C LEU B 20 12.93 -6.50 16.37
N SER B 21 12.51 -5.30 16.70
CA SER B 21 11.12 -5.07 16.96
C SER B 21 10.73 -3.88 16.13
N CYS B 22 9.48 -3.89 15.71
CA CYS B 22 8.95 -2.80 14.94
C CYS B 22 7.57 -2.52 15.45
N ALA B 23 7.41 -1.34 16.01
CA ALA B 23 6.13 -0.95 16.56
C ALA B 23 5.40 -0.10 15.53
N ALA B 24 4.21 -0.55 15.17
CA ALA B 24 3.39 0.17 14.21
C ALA B 24 2.37 0.94 15.00
N SER B 25 2.12 2.16 14.56
CA SER B 25 1.13 2.98 15.22
C SER B 25 0.36 3.66 14.10
N GLY B 26 -0.81 4.17 14.45
CA GLY B 26 -1.63 4.83 13.45
C GLY B 26 -2.72 3.92 12.96
N TYR B 27 -3.02 4.02 11.67
CA TYR B 27 -4.07 3.23 11.03
C TYR B 27 -3.61 1.78 10.84
N ILE B 28 -3.30 1.14 11.95
CA ILE B 28 -2.82 -0.24 11.96
C ILE B 28 -3.76 -1.21 11.24
N ALA B 29 -5.06 -0.91 11.23
CA ALA B 29 -6.02 -1.78 10.58
C ALA B 29 -5.81 -1.83 9.07
N SER B 30 -5.08 -0.85 8.54
CA SER B 30 -4.86 -0.80 7.10
C SER B 30 -3.67 -1.66 6.70
N ILE B 31 -2.99 -2.23 7.67
CA ILE B 31 -1.83 -3.05 7.39
C ILE B 31 -2.16 -4.47 7.01
N ASN B 32 -1.67 -4.89 5.85
CA ASN B 32 -1.88 -6.26 5.41
C ASN B 32 -0.62 -7.07 5.63
N TYR B 33 0.52 -6.43 5.46
CA TYR B 33 1.78 -7.09 5.70
C TYR B 33 2.68 -6.19 6.48
N LEU B 34 3.36 -6.77 7.46
CA LEU B 34 4.35 -6.05 8.21
C LEU B 34 5.55 -6.86 7.84
N GLY B 35 6.56 -6.19 7.34
CA GLY B 35 7.73 -6.93 6.92
C GLY B 35 9.03 -6.29 7.31
N TRP B 36 10.07 -7.08 7.14
CA TRP B 36 11.41 -6.65 7.42
C TRP B 36 12.17 -6.74 6.14
N PHE B 37 12.82 -5.64 5.79
CA PHE B 37 13.64 -5.61 4.61
C PHE B 37 15.00 -5.20 5.09
N ARG B 38 16.02 -5.79 4.51
CA ARG B 38 17.34 -5.42 4.93
C ARG B 38 18.11 -4.99 3.73
N GLN B 39 19.13 -4.17 3.96
CA GLN B 39 19.95 -3.68 2.89
C GLN B 39 21.33 -3.43 3.42
N ALA B 40 22.30 -4.05 2.78
CA ALA B 40 23.70 -3.91 3.16
C ALA B 40 24.19 -2.66 2.44
N PRO B 41 25.34 -2.11 2.88
CA PRO B 41 25.84 -0.91 2.22
C PRO B 41 26.05 -1.12 0.72
N GLY B 42 25.49 -0.20 -0.08
CA GLY B 42 25.64 -0.29 -1.51
C GLY B 42 25.04 -1.53 -2.16
N LYS B 43 24.26 -2.29 -1.40
CA LYS B 43 23.65 -3.49 -1.94
C LYS B 43 22.14 -3.28 -2.08
N GLU B 44 21.49 -4.12 -2.88
CA GLU B 44 20.05 -3.99 -3.06
C GLU B 44 19.35 -4.54 -1.82
N ARG B 45 18.19 -3.99 -1.52
CA ARG B 45 17.45 -4.42 -0.36
C ARG B 45 16.93 -5.83 -0.59
N GLU B 46 16.59 -6.48 0.50
CA GLU B 46 16.09 -7.83 0.44
C GLU B 46 14.99 -8.01 1.47
N GLY B 47 13.86 -8.56 1.03
CA GLY B 47 12.77 -8.83 1.94
C GLY B 47 13.29 -9.98 2.79
N VAL B 48 13.24 -9.81 4.11
CA VAL B 48 13.74 -10.81 5.03
C VAL B 48 12.61 -11.67 5.54
N ALA B 49 11.58 -11.01 6.05
CA ALA B 49 10.46 -11.74 6.59
C ALA B 49 9.29 -10.81 6.62
N ALA B 50 8.11 -11.37 6.51
CA ALA B 50 6.93 -10.55 6.54
C ALA B 50 5.83 -11.40 7.11
N VAL B 51 4.84 -10.75 7.69
CA VAL B 51 3.74 -11.50 8.25
C VAL B 51 2.49 -10.67 8.05
N SER B 52 1.38 -11.34 7.76
CA SER B 52 0.14 -10.61 7.59
C SER B 52 -0.50 -10.66 8.97
N PRO B 53 -0.73 -9.49 9.57
CA PRO B 53 -1.32 -9.38 10.90
C PRO B 53 -2.62 -10.13 11.17
N ALA B 54 -3.56 -10.05 10.24
CA ALA B 54 -4.84 -10.69 10.44
C ALA B 54 -4.77 -12.22 10.54
N GLY B 55 -4.09 -12.82 9.57
CA GLY B 55 -3.99 -14.27 9.54
C GLY B 55 -2.71 -14.84 10.09
N GLY B 56 -1.72 -14.00 10.33
CA GLY B 56 -0.47 -14.47 10.89
C GLY B 56 0.46 -15.27 10.01
N THR B 57 0.14 -15.41 8.72
CA THR B 57 1.01 -16.16 7.83
C THR B 57 2.35 -15.46 7.68
N PRO B 58 3.46 -16.17 7.95
CA PRO B 58 4.78 -15.56 7.82
C PRO B 58 5.44 -15.96 6.51
N TYR B 59 6.30 -15.08 6.03
CA TYR B 59 7.03 -15.30 4.80
C TYR B 59 8.46 -15.00 5.11
N TYR B 60 9.36 -15.80 4.56
CA TYR B 60 10.76 -15.62 4.81
C TYR B 60 11.62 -15.73 3.60
N ALA B 61 12.67 -14.94 3.60
CA ALA B 61 13.65 -15.00 2.55
C ALA B 61 14.25 -16.38 2.78
N ASP B 62 14.53 -17.09 1.71
CA ASP B 62 15.11 -18.41 1.86
C ASP B 62 16.38 -18.37 2.70
N SER B 63 17.15 -17.30 2.59
CA SER B 63 18.40 -17.19 3.31
C SER B 63 18.23 -17.11 4.81
N VAL B 64 17.03 -16.80 5.28
CA VAL B 64 16.81 -16.71 6.71
C VAL B 64 15.76 -17.69 7.19
N LYS B 65 15.01 -18.26 6.24
CA LYS B 65 13.94 -19.20 6.58
C LYS B 65 14.52 -20.44 7.23
N GLY B 66 14.02 -20.74 8.42
CA GLY B 66 14.51 -21.89 9.16
C GLY B 66 15.64 -21.44 10.05
N ARG B 67 15.84 -20.12 10.11
CA ARG B 67 16.89 -19.56 10.94
C ARG B 67 16.29 -18.37 11.68
N PHE B 68 15.80 -17.39 10.93
CA PHE B 68 15.16 -16.23 11.51
C PHE B 68 13.70 -16.59 11.67
N THR B 69 13.03 -15.91 12.61
CA THR B 69 11.61 -16.13 12.75
C THR B 69 11.05 -14.74 12.88
N VAL B 70 9.86 -14.57 12.34
CA VAL B 70 9.22 -13.29 12.43
C VAL B 70 8.00 -13.59 13.25
N SER B 71 7.67 -12.68 14.16
CA SER B 71 6.50 -12.89 14.98
C SER B 71 5.81 -11.57 15.02
N LEU B 72 4.49 -11.62 15.10
CA LEU B 72 3.73 -10.41 15.13
C LEU B 72 2.92 -10.45 16.40
N ASP B 73 2.90 -9.32 17.08
CA ASP B 73 2.13 -9.19 18.29
C ASP B 73 1.04 -8.20 17.92
N ASN B 74 -0.12 -8.72 17.54
CA ASN B 74 -1.21 -7.85 17.15
C ASN B 74 -1.73 -7.01 18.29
N ALA B 75 -1.52 -7.47 19.51
CA ALA B 75 -1.99 -6.70 20.66
C ALA B 75 -1.25 -5.38 20.71
N GLU B 76 0.02 -5.42 20.37
CA GLU B 76 0.85 -4.23 20.39
C GLU B 76 1.20 -3.71 19.01
N ASN B 77 0.64 -4.33 17.98
CA ASN B 77 0.91 -3.92 16.61
C ASN B 77 2.40 -3.82 16.43
N THR B 78 3.09 -4.85 16.90
CA THR B 78 4.53 -4.89 16.80
C THR B 78 4.93 -6.16 16.12
N VAL B 79 5.87 -6.04 15.20
CA VAL B 79 6.35 -7.21 14.52
C VAL B 79 7.79 -7.37 14.98
N TYR B 80 8.19 -8.62 15.18
CA TYR B 80 9.53 -8.89 15.63
C TYR B 80 10.26 -9.77 14.66
N LEU B 81 11.57 -9.61 14.64
CA LEU B 81 12.37 -10.44 13.79
C LEU B 81 13.38 -11.05 14.72
N GLN B 82 13.22 -12.35 14.98
CA GLN B 82 14.15 -13.06 15.84
C GLN B 82 15.27 -13.51 14.93
N MET B 83 16.42 -12.86 15.09
CA MET B 83 17.56 -13.19 14.27
C MET B 83 18.48 -14.17 15.01
N ASN B 84 18.30 -15.45 14.72
CA ASN B 84 19.11 -16.49 15.36
C ASN B 84 20.20 -16.89 14.39
N SER B 85 21.23 -17.55 14.93
CA SER B 85 22.34 -18.02 14.12
C SER B 85 22.76 -16.95 13.13
N LEU B 86 22.98 -15.75 13.63
CA LEU B 86 23.37 -14.64 12.78
C LEU B 86 24.69 -14.92 12.09
N LYS B 87 24.77 -14.49 10.84
CA LYS B 87 25.96 -14.66 10.05
C LYS B 87 26.37 -13.31 9.50
N PRO B 88 27.63 -13.17 9.08
CA PRO B 88 28.11 -11.90 8.54
C PRO B 88 27.21 -11.40 7.41
N GLU B 89 26.73 -12.32 6.59
CA GLU B 89 25.87 -11.98 5.47
C GLU B 89 24.57 -11.31 5.93
N ASP B 90 24.27 -11.39 7.21
CA ASP B 90 23.04 -10.78 7.74
C ASP B 90 23.26 -9.33 8.11
N THR B 91 24.51 -8.89 8.04
CA THR B 91 24.82 -7.52 8.36
C THR B 91 24.12 -6.63 7.36
N ALA B 92 23.38 -5.64 7.86
CA ALA B 92 22.65 -4.73 6.99
C ALA B 92 21.77 -3.83 7.81
N LEU B 93 21.14 -2.88 7.12
CA LEU B 93 20.20 -1.98 7.76
C LEU B 93 18.89 -2.75 7.63
N TYR B 94 18.20 -2.96 8.74
CA TYR B 94 16.94 -3.67 8.70
C TYR B 94 15.79 -2.71 8.84
N TYR B 95 14.98 -2.66 7.79
CA TYR B 95 13.85 -1.76 7.76
C TYR B 95 12.58 -2.48 8.00
N CYS B 96 11.75 -1.88 8.83
CA CYS B 96 10.45 -2.41 9.07
C CYS B 96 9.61 -1.74 7.99
N ALA B 97 8.63 -2.46 7.48
CA ALA B 97 7.78 -1.88 6.45
C ALA B 97 6.39 -2.44 6.59
N ALA B 98 5.41 -1.67 6.17
CA ALA B 98 4.05 -2.13 6.24
C ALA B 98 3.46 -1.91 4.87
N ALA B 99 2.69 -2.89 4.42
CA ALA B 99 2.04 -2.78 3.13
C ALA B 99 0.56 -2.89 3.40
N ARG B 100 -0.22 -2.08 2.72
CA ARG B 100 -1.64 -2.19 2.89
C ARG B 100 -2.10 -3.30 1.97
N GLN B 101 -3.39 -3.54 1.98
CA GLN B 101 -3.99 -4.49 1.09
C GLN B 101 -3.62 -3.97 -0.30
N GLY B 102 -3.56 -4.84 -1.28
CA GLY B 102 -3.20 -4.38 -2.62
C GLY B 102 -1.77 -4.72 -2.97
N TRP B 103 -1.08 -5.46 -2.12
CA TRP B 103 0.27 -5.86 -2.44
C TRP B 103 0.43 -7.23 -1.87
N TYR B 104 0.68 -8.19 -2.75
CA TYR B 104 0.73 -9.56 -2.33
C TYR B 104 1.99 -10.34 -2.52
N ILE B 105 3.12 -9.63 -2.52
CA ILE B 105 4.40 -10.31 -2.59
C ILE B 105 5.06 -9.79 -1.34
N PRO B 106 4.90 -10.52 -0.23
CA PRO B 106 5.44 -10.18 1.07
C PRO B 106 6.86 -9.71 1.15
N LEU B 107 7.75 -10.36 0.40
CA LEU B 107 9.15 -10.01 0.48
C LEU B 107 9.60 -9.06 -0.60
N ASN B 108 8.63 -8.53 -1.34
CA ASN B 108 8.94 -7.58 -2.38
C ASN B 108 8.52 -6.23 -1.82
N SER B 109 9.47 -5.33 -1.70
CA SER B 109 9.24 -4.01 -1.12
C SER B 109 8.34 -3.09 -1.90
N TYR B 110 8.10 -3.42 -3.16
CA TYR B 110 7.35 -2.53 -4.03
C TYR B 110 6.05 -2.01 -3.47
N GLY B 111 5.26 -2.92 -2.93
CA GLY B 111 3.97 -2.54 -2.42
C GLY B 111 3.93 -2.12 -0.97
N TYR B 112 5.08 -2.01 -0.33
CA TYR B 112 5.08 -1.56 1.06
C TYR B 112 4.92 -0.07 1.02
N ASN B 113 4.03 0.43 1.87
CA ASN B 113 3.70 1.83 1.87
C ASN B 113 4.25 2.62 3.01
N TYR B 114 4.72 1.92 4.03
CA TYR B 114 5.26 2.56 5.19
C TYR B 114 6.56 1.92 5.52
N TRP B 115 7.50 2.77 5.91
CA TRP B 115 8.82 2.31 6.24
C TRP B 115 9.33 2.87 7.54
N GLY B 116 10.10 2.05 8.24
CA GLY B 116 10.70 2.48 9.47
C GLY B 116 11.99 3.16 9.05
N GLN B 117 12.75 3.62 10.04
CA GLN B 117 14.01 4.30 9.78
C GLN B 117 15.12 3.32 9.46
N GLY B 118 14.92 2.06 9.85
CA GLY B 118 15.92 1.05 9.60
C GLY B 118 16.89 0.96 10.75
N THR B 119 16.99 -0.21 11.35
CA THR B 119 17.91 -0.41 12.46
C THR B 119 19.10 -1.21 11.95
N GLN B 120 20.30 -0.79 12.33
CA GLN B 120 21.49 -1.47 11.88
C GLN B 120 21.76 -2.76 12.61
N VAL B 121 22.10 -3.79 11.86
CA VAL B 121 22.43 -5.08 12.43
C VAL B 121 23.79 -5.43 11.87
N THR B 122 24.76 -5.63 12.75
CA THR B 122 26.10 -5.97 12.32
C THR B 122 26.52 -7.28 12.95
N VAL B 123 26.98 -8.19 12.11
CA VAL B 123 27.41 -9.50 12.58
C VAL B 123 28.88 -9.68 12.25
N SER B 124 29.69 -9.88 13.28
CA SER B 124 31.12 -10.07 13.11
C SER B 124 31.50 -11.49 13.52
#